data_6CPN
#
_entry.id   6CPN
#
_cell.length_a   66.262
_cell.length_b   66.262
_cell.length_c   221.407
_cell.angle_alpha   90.00
_cell.angle_beta   90.00
_cell.angle_gamma   120.00
#
_symmetry.space_group_name_H-M   'P 31 1 2'
#
loop_
_entity.id
_entity.type
_entity.pdbx_description
1 polymer 'HLA class II histocompatibility antigen, DR alpha chain'
2 polymer 'HLA class II histocompatibility antigen, DRB1-11 beta chain'
3 polymer 'Gag polyprotein'
4 branched 2-acetamido-2-deoxy-beta-D-glucopyranose-(1-4)-2-acetamido-2-deoxy-beta-D-glucopyranose
5 non-polymer 2-acetamido-2-deoxy-beta-D-glucopyranose
6 non-polymer 'SULFATE ION'
7 non-polymer 'SODIUM ION'
8 water water
#
loop_
_entity_poly.entity_id
_entity_poly.type
_entity_poly.pdbx_seq_one_letter_code
_entity_poly.pdbx_strand_id
1 'polypeptide(L)'
;IKEEHVIIQAEFYLNPDQSGEFMFDFDGDEIFHVDMAKKETVWRLEEFGRFASFEAQGALANIAVDKANLEIMTKRSNYT
PITNVPPEVTVLTNSPVELREPNVLICFIDKFTPPVVNVTWLRNGKPVTTGVSETVFLPREDHLFRKFHYLPFLPSTEDV
YDCRVEHWGLDEPLLKHWEFDT
;
A
2 'polypeptide(L)'
;GDTRPRFLEYSTSECHFFNGTERVRFLDRYFYNQEEYVRFDSDVGEFRAVTELGRPDEEYWNSQKDFLEDRRAAVDTYCR
HNYGVGESFTVQRRVHPKVTVYPSKTQPLQHHNLLVCSVSGFYPGSIEVRWFRNGQEEKTGVVSTGLIHNGDWTFQTLVM
LETVPRSGEVYTCQVEHPSVTSPLTVEWRA
;
B
3 'polypeptide(L)' RFYKTLRAEQASQ C
#
loop_
_chem_comp.id
_chem_comp.type
_chem_comp.name
_chem_comp.formula
NA non-polymer 'SODIUM ION' 'Na 1'
NAG D-saccharide, beta linking 2-acetamido-2-deoxy-beta-D-glucopyranose 'C8 H15 N O6'
SO4 non-polymer 'SULFATE ION' 'O4 S -2'
#
# COMPACT_ATOMS: atom_id res chain seq x y z
N ILE A 1 -9.64 -21.57 -4.84
CA ILE A 1 -9.39 -21.10 -3.47
C ILE A 1 -8.45 -19.89 -3.49
N LYS A 2 -8.88 -18.79 -2.85
CA LYS A 2 -8.11 -17.54 -2.75
C LYS A 2 -8.08 -17.08 -1.28
N GLU A 3 -6.95 -16.51 -0.85
CA GLU A 3 -6.80 -15.98 0.51
C GLU A 3 -7.79 -14.83 0.75
N GLU A 4 -8.24 -14.65 1.98
CA GLU A 4 -9.12 -13.54 2.30
C GLU A 4 -8.29 -12.32 2.71
N HIS A 5 -7.24 -12.52 3.56
CA HIS A 5 -6.46 -11.38 4.06
C HIS A 5 -4.98 -11.69 4.19
N VAL A 6 -4.14 -10.64 4.17
CA VAL A 6 -2.68 -10.75 4.35
C VAL A 6 -2.19 -9.71 5.39
N ILE A 7 -1.42 -10.17 6.42
CA ILE A 7 -0.77 -9.27 7.39
C ILE A 7 0.76 -9.43 7.17
N ILE A 8 1.45 -8.32 6.88
CA ILE A 8 2.90 -8.34 6.64
C ILE A 8 3.66 -7.47 7.67
N GLN A 9 4.71 -8.01 8.28
CA GLN A 9 5.64 -7.23 9.13
C GLN A 9 6.82 -6.98 8.18
N ALA A 10 7.00 -5.74 7.74
CA ALA A 10 8.06 -5.41 6.77
C ALA A 10 9.10 -4.54 7.44
N GLU A 11 10.39 -4.87 7.25
CA GLU A 11 11.43 -4.07 7.87
C GLU A 11 12.67 -4.00 7.03
N PHE A 12 13.37 -2.86 7.08
CA PHE A 12 14.63 -2.75 6.35
C PHE A 12 15.67 -1.97 7.13
N TYR A 13 16.95 -2.16 6.77
CA TYR A 13 18.05 -1.37 7.24
C TYR A 13 18.86 -1.02 6.00
N LEU A 14 19.27 0.24 5.88
CA LEU A 14 19.98 0.71 4.70
C LEU A 14 21.29 1.40 5.03
N ASN A 15 22.37 0.98 4.35
CA ASN A 15 23.70 1.60 4.51
C ASN A 15 24.05 2.33 3.20
N PRO A 16 24.81 3.45 3.21
CA PRO A 16 25.45 4.14 4.34
C PRO A 16 24.54 5.06 5.14
N ASP A 17 23.28 5.22 4.73
CA ASP A 17 22.30 6.13 5.35
C ASP A 17 22.08 5.85 6.83
N GLN A 18 22.21 4.57 7.25
CA GLN A 18 21.99 4.13 8.65
C GLN A 18 20.53 4.35 9.05
N SER A 19 19.65 4.19 8.07
CA SER A 19 18.22 4.35 8.27
C SER A 19 17.50 3.00 8.14
N GLY A 20 16.49 2.82 8.97
CA GLY A 20 15.67 1.63 8.99
C GLY A 20 14.23 1.96 9.24
N GLU A 21 13.35 1.03 8.90
CA GLU A 21 11.92 1.19 9.12
CA GLU A 21 11.91 1.18 9.06
C GLU A 21 11.35 -0.15 9.53
N PHE A 22 10.24 -0.12 10.28
CA PHE A 22 9.55 -1.33 10.72
C PHE A 22 8.10 -0.95 10.67
N MET A 23 7.29 -1.76 10.00
CA MET A 23 5.87 -1.46 9.84
C MET A 23 5.08 -2.73 9.68
N PHE A 24 3.75 -2.65 9.89
CA PHE A 24 2.83 -3.74 9.64
C PHE A 24 1.84 -3.24 8.57
N ASP A 25 1.51 -4.13 7.67
CA ASP A 25 0.65 -3.85 6.54
C ASP A 25 -0.49 -4.87 6.59
N PHE A 26 -1.73 -4.42 6.36
CA PHE A 26 -2.91 -5.28 6.28
C PHE A 26 -3.53 -5.02 4.91
N ASP A 27 -3.59 -6.04 4.05
CA ASP A 27 -4.14 -5.91 2.68
C ASP A 27 -3.70 -4.64 1.94
N GLY A 28 -2.42 -4.27 2.04
CA GLY A 28 -1.91 -3.08 1.35
C GLY A 28 -1.94 -1.76 2.09
N ASP A 29 -2.54 -1.72 3.28
CA ASP A 29 -2.56 -0.52 4.10
C ASP A 29 -1.63 -0.65 5.30
N GLU A 30 -0.99 0.46 5.69
CA GLU A 30 -0.12 0.58 6.86
C GLU A 30 -1.02 0.56 8.10
N ILE A 31 -0.78 -0.37 9.03
CA ILE A 31 -1.53 -0.36 10.30
C ILE A 31 -0.76 0.65 11.19
N PHE A 32 0.57 0.46 11.28
CA PHE A 32 1.44 1.30 12.11
C PHE A 32 2.88 1.16 11.64
N HIS A 33 3.75 2.03 12.14
CA HIS A 33 5.20 1.96 11.98
C HIS A 33 5.85 2.39 13.23
N VAL A 34 7.16 2.16 13.33
CA VAL A 34 7.95 2.60 14.45
C VAL A 34 8.81 3.79 14.08
N ASP A 35 8.59 4.91 14.80
CA ASP A 35 9.37 6.13 14.67
C ASP A 35 10.69 5.79 15.40
N MET A 36 11.75 5.54 14.62
CA MET A 36 13.07 5.16 15.12
C MET A 36 13.72 6.25 16.02
N ALA A 37 13.62 7.54 15.59
CA ALA A 37 14.15 8.70 16.31
C ALA A 37 13.46 8.87 17.67
N LYS A 38 12.11 8.78 17.71
CA LYS A 38 11.37 8.93 18.96
C LYS A 38 11.17 7.64 19.73
N LYS A 39 11.49 6.46 19.11
CA LYS A 39 11.34 5.11 19.72
C LYS A 39 9.88 4.86 20.10
N GLU A 40 8.97 5.21 19.17
CA GLU A 40 7.54 5.08 19.44
C GLU A 40 6.75 4.53 18.27
N THR A 41 5.63 3.88 18.58
CA THR A 41 4.67 3.31 17.63
C THR A 41 3.82 4.45 17.09
N VAL A 42 3.64 4.52 15.76
CA VAL A 42 2.85 5.57 15.11
C VAL A 42 1.74 4.86 14.37
N TRP A 43 0.49 5.03 14.81
CA TRP A 43 -0.68 4.39 14.22
C TRP A 43 -1.17 5.15 12.99
N ARG A 44 -1.60 4.40 11.92
CA ARG A 44 -2.05 5.04 10.67
C ARG A 44 -3.33 5.85 10.87
N LEU A 45 -4.29 5.29 11.62
CA LEU A 45 -5.53 5.97 12.00
C LEU A 45 -5.54 5.91 13.51
N GLU A 46 -5.85 7.05 14.18
CA GLU A 46 -5.88 7.16 15.65
C GLU A 46 -6.68 6.10 16.39
N GLU A 47 -7.81 5.65 15.82
CA GLU A 47 -8.67 4.62 16.40
CA GLU A 47 -8.67 4.62 16.41
C GLU A 47 -7.91 3.32 16.65
N PHE A 48 -6.92 2.98 15.77
CA PHE A 48 -6.13 1.74 15.90
C PHE A 48 -5.43 1.67 17.26
N GLY A 49 -4.80 2.77 17.65
CA GLY A 49 -4.09 2.91 18.93
C GLY A 49 -4.97 2.85 20.17
N ARG A 50 -6.30 3.07 20.01
CA ARG A 50 -7.29 2.97 21.08
C ARG A 50 -7.69 1.50 21.26
N PHE A 51 -7.59 0.69 20.18
CA PHE A 51 -7.99 -0.71 20.18
C PHE A 51 -6.85 -1.69 20.32
N ALA A 52 -5.63 -1.30 19.95
CA ALA A 52 -4.52 -2.24 20.02
C ALA A 52 -3.29 -1.54 20.49
N SER A 53 -2.29 -2.31 20.83
CA SER A 53 -1.02 -1.80 21.30
C SER A 53 0.12 -2.51 20.61
N PHE A 54 1.29 -1.87 20.61
CA PHE A 54 2.50 -2.44 20.07
C PHE A 54 3.69 -1.86 20.80
N GLU A 55 4.57 -2.73 21.35
CA GLU A 55 5.78 -2.27 22.03
CA GLU A 55 5.76 -2.28 22.03
C GLU A 55 6.87 -2.03 21.02
N ALA A 56 7.28 -0.76 20.87
CA ALA A 56 8.31 -0.29 19.93
C ALA A 56 9.68 -0.91 20.12
N GLN A 57 10.03 -1.29 21.38
CA GLN A 57 11.30 -1.91 21.69
C GLN A 57 11.58 -3.17 20.86
N GLY A 58 10.54 -3.97 20.61
CA GLY A 58 10.66 -5.18 19.78
C GLY A 58 11.08 -4.82 18.36
N ALA A 59 10.52 -3.74 17.79
CA ALA A 59 10.90 -3.27 16.45
C ALA A 59 12.34 -2.78 16.47
N LEU A 60 12.73 -2.05 17.54
CA LEU A 60 14.10 -1.54 17.69
C LEU A 60 15.12 -2.68 17.77
N ALA A 61 14.82 -3.74 18.53
CA ALA A 61 15.72 -4.90 18.63
C ALA A 61 15.86 -5.62 17.27
N ASN A 62 14.76 -5.72 16.50
CA ASN A 62 14.79 -6.36 15.17
C ASN A 62 15.66 -5.55 14.24
N ILE A 63 15.54 -4.21 14.31
CA ILE A 63 16.29 -3.29 13.42
C ILE A 63 17.78 -3.47 13.64
N ALA A 64 18.21 -3.68 14.90
CA ALA A 64 19.62 -3.91 15.20
C ALA A 64 20.10 -5.20 14.55
N VAL A 65 19.24 -6.26 14.51
CA VAL A 65 19.56 -7.56 13.87
C VAL A 65 19.61 -7.34 12.34
N ASP A 66 18.63 -6.59 11.80
CA ASP A 66 18.60 -6.26 10.36
C ASP A 66 19.90 -5.56 9.94
N LYS A 67 20.41 -4.65 10.78
CA LYS A 67 21.69 -3.95 10.57
C LYS A 67 22.85 -4.96 10.50
N ALA A 68 22.94 -5.88 11.51
CA ALA A 68 23.98 -6.93 11.57
C ALA A 68 23.89 -7.81 10.33
N ASN A 69 22.65 -8.16 9.89
CA ASN A 69 22.39 -8.97 8.71
C ASN A 69 22.81 -8.24 7.46
N LEU A 70 22.59 -6.89 7.42
CA LEU A 70 23.06 -6.11 6.26
C LEU A 70 24.59 -6.20 6.17
N GLU A 71 25.29 -6.08 7.29
CA GLU A 71 26.76 -6.14 7.27
C GLU A 71 27.25 -7.50 6.73
N ILE A 72 26.62 -8.60 7.20
CA ILE A 72 26.93 -9.99 6.80
C ILE A 72 26.63 -10.21 5.28
N MET A 73 25.43 -9.78 4.84
CA MET A 73 25.03 -9.94 3.44
C MET A 73 25.83 -9.10 2.48
N THR A 74 26.23 -7.89 2.92
CA THR A 74 27.04 -6.96 2.09
C THR A 74 28.41 -7.63 1.78
N LYS A 75 29.02 -8.25 2.80
CA LYS A 75 30.30 -8.97 2.66
C LYS A 75 30.11 -10.23 1.80
N ARG A 76 29.06 -11.04 2.11
CA ARG A 76 28.73 -12.26 1.36
C ARG A 76 28.47 -12.00 -0.13
N SER A 77 27.94 -10.82 -0.47
CA SER A 77 27.67 -10.47 -1.88
C SER A 77 28.91 -9.93 -2.58
N ASN A 78 30.05 -9.90 -1.87
CA ASN A 78 31.31 -9.31 -2.35
C ASN A 78 31.14 -7.82 -2.57
N TYR A 79 30.45 -7.15 -1.63
CA TYR A 79 30.26 -5.69 -1.61
C TYR A 79 29.55 -5.12 -2.84
N THR A 80 28.52 -5.85 -3.30
CA THR A 80 27.71 -5.45 -4.47
C THR A 80 26.66 -4.42 -4.01
N PRO A 81 26.66 -3.19 -4.60
CA PRO A 81 25.62 -2.21 -4.21
C PRO A 81 24.30 -2.44 -4.92
N ILE A 82 23.24 -1.77 -4.45
CA ILE A 82 21.93 -1.90 -5.09
C ILE A 82 21.88 -1.16 -6.46
N THR A 83 21.19 -1.75 -7.43
CA THR A 83 20.89 -1.09 -8.71
C THR A 83 19.55 -0.33 -8.44
N ASN A 84 19.56 0.98 -8.58
CA ASN A 84 18.37 1.81 -8.38
C ASN A 84 17.33 1.51 -9.42
N VAL A 85 16.06 1.44 -9.01
CA VAL A 85 14.88 1.23 -9.86
C VAL A 85 14.02 2.50 -9.64
N PRO A 86 13.87 3.36 -10.68
CA PRO A 86 13.12 4.63 -10.46
C PRO A 86 11.61 4.38 -10.27
N PRO A 87 10.87 5.23 -9.56
CA PRO A 87 9.43 4.94 -9.38
C PRO A 87 8.53 5.36 -10.53
N GLU A 88 7.31 4.78 -10.58
CA GLU A 88 6.21 5.25 -11.42
C GLU A 88 5.46 6.18 -10.45
N VAL A 89 5.09 7.40 -10.90
CA VAL A 89 4.36 8.40 -10.10
C VAL A 89 2.99 8.71 -10.74
N THR A 90 1.90 8.63 -9.95
CA THR A 90 0.52 8.91 -10.36
C THR A 90 -0.01 9.94 -9.38
N VAL A 91 -0.69 10.97 -9.92
CA VAL A 91 -1.34 11.99 -9.11
C VAL A 91 -2.83 11.85 -9.38
N LEU A 92 -3.61 11.71 -8.30
CA LEU A 92 -5.07 11.64 -8.38
C LEU A 92 -5.69 12.42 -7.23
N THR A 93 -7.02 12.61 -7.27
CA THR A 93 -7.79 13.26 -6.21
C THR A 93 -8.54 12.16 -5.47
N ASN A 94 -8.86 12.40 -4.19
CA ASN A 94 -9.56 11.45 -3.33
C ASN A 94 -10.99 11.15 -3.90
N SER A 95 -11.60 12.19 -4.50
CA SER A 95 -12.91 12.12 -5.09
C SER A 95 -12.99 13.11 -6.27
N PRO A 96 -14.03 13.06 -7.16
CA PRO A 96 -14.15 14.08 -8.23
C PRO A 96 -14.18 15.49 -7.62
N VAL A 97 -13.43 16.38 -8.23
CA VAL A 97 -13.24 17.73 -7.72
C VAL A 97 -14.34 18.75 -8.10
N GLU A 98 -14.78 19.51 -7.09
CA GLU A 98 -15.77 20.56 -7.25
C GLU A 98 -15.12 21.83 -6.77
N LEU A 99 -15.32 22.93 -7.52
CA LEU A 99 -14.80 24.24 -7.14
C LEU A 99 -15.19 24.63 -5.70
N ARG A 100 -14.22 25.17 -4.96
CA ARG A 100 -14.27 25.59 -3.55
C ARG A 100 -14.82 24.58 -2.50
N GLU A 101 -14.83 23.26 -2.84
CA GLU A 101 -15.20 22.18 -1.92
C GLU A 101 -13.87 21.50 -1.59
N PRO A 102 -13.35 21.58 -0.34
CA PRO A 102 -12.05 20.94 -0.03
C PRO A 102 -11.90 19.50 -0.55
N ASN A 103 -10.69 19.18 -0.99
CA ASN A 103 -10.40 17.85 -1.53
C ASN A 103 -8.95 17.50 -1.18
N VAL A 104 -8.48 16.35 -1.65
CA VAL A 104 -7.13 15.87 -1.37
C VAL A 104 -6.43 15.38 -2.64
N LEU A 105 -5.21 15.88 -2.87
CA LEU A 105 -4.36 15.40 -3.94
C LEU A 105 -3.54 14.21 -3.40
N ILE A 106 -3.53 13.09 -4.13
CA ILE A 106 -2.80 11.88 -3.73
C ILE A 106 -1.64 11.62 -4.68
N CYS A 107 -0.42 11.56 -4.18
CA CYS A 107 0.71 11.22 -5.04
C CYS A 107 1.13 9.83 -4.69
N PHE A 108 0.88 8.90 -5.61
CA PHE A 108 1.20 7.49 -5.47
C PHE A 108 2.53 7.21 -6.20
N ILE A 109 3.56 6.78 -5.43
CA ILE A 109 4.94 6.46 -5.91
C ILE A 109 5.08 4.93 -5.76
N ASP A 110 5.34 4.22 -6.88
CA ASP A 110 5.31 2.78 -6.93
C ASP A 110 6.48 2.13 -7.65
N LYS A 111 6.72 0.83 -7.37
CA LYS A 111 7.72 -0.02 -8.02
C LYS A 111 9.14 0.59 -8.03
N PHE A 112 9.62 0.99 -6.86
CA PHE A 112 10.94 1.56 -6.75
C PHE A 112 11.74 0.89 -5.64
N THR A 113 13.07 1.06 -5.73
CA THR A 113 14.08 0.61 -4.76
C THR A 113 15.38 1.39 -5.04
N PRO A 114 16.18 1.82 -4.03
CA PRO A 114 16.03 1.60 -2.57
C PRO A 114 14.87 2.45 -2.01
N PRO A 115 14.42 2.14 -0.77
CA PRO A 115 13.28 2.90 -0.20
C PRO A 115 13.72 4.27 0.35
N VAL A 116 14.05 5.19 -0.57
CA VAL A 116 14.48 6.56 -0.24
C VAL A 116 13.92 7.45 -1.32
N VAL A 117 13.23 8.52 -0.90
CA VAL A 117 12.63 9.53 -1.80
C VAL A 117 12.61 10.88 -1.10
N ASN A 118 12.52 11.94 -1.90
CA ASN A 118 12.30 13.31 -1.47
C ASN A 118 11.08 13.71 -2.28
N VAL A 119 10.00 14.08 -1.59
CA VAL A 119 8.73 14.42 -2.24
C VAL A 119 8.33 15.82 -1.88
N THR A 120 8.09 16.64 -2.90
CA THR A 120 7.66 18.02 -2.69
C THR A 120 6.35 18.22 -3.44
N TRP A 121 5.44 18.99 -2.83
CA TRP A 121 4.17 19.34 -3.46
C TRP A 121 4.38 20.76 -3.98
N LEU A 122 4.00 21.02 -5.25
CA LEU A 122 4.15 22.36 -5.82
C LEU A 122 2.81 22.96 -6.26
N ARG A 123 2.43 24.12 -5.69
CA ARG A 123 1.22 24.87 -6.06
C ARG A 123 1.67 26.07 -6.89
N ASN A 124 1.40 26.03 -8.21
CA ASN A 124 1.79 27.07 -9.17
C ASN A 124 3.33 27.24 -9.30
N GLY A 125 4.07 26.18 -8.99
CA GLY A 125 5.52 26.12 -9.04
C GLY A 125 6.18 26.48 -7.72
N LYS A 126 5.36 26.67 -6.66
CA LYS A 126 5.81 27.05 -5.32
C LYS A 126 5.63 25.91 -4.28
N PRO A 127 6.64 25.63 -3.42
CA PRO A 127 6.49 24.55 -2.42
C PRO A 127 5.43 24.81 -1.35
N VAL A 128 4.58 23.82 -1.11
CA VAL A 128 3.49 23.89 -0.12
C VAL A 128 3.55 22.68 0.83
N THR A 129 3.35 22.91 2.13
CA THR A 129 3.46 21.89 3.18
C THR A 129 2.28 21.84 4.14
N THR A 130 1.33 22.78 3.98
CA THR A 130 0.17 22.86 4.86
C THR A 130 -0.77 21.65 4.77
N GLY A 131 -0.91 20.95 5.91
CA GLY A 131 -1.77 19.78 6.07
C GLY A 131 -1.31 18.51 5.37
N VAL A 132 -0.09 18.51 4.81
CA VAL A 132 0.49 17.34 4.12
C VAL A 132 0.68 16.14 5.04
N SER A 133 0.58 14.92 4.47
CA SER A 133 0.81 13.68 5.20
C SER A 133 1.39 12.64 4.22
N GLU A 134 1.89 11.54 4.76
CA GLU A 134 2.48 10.50 3.95
C GLU A 134 2.47 9.17 4.67
N THR A 135 2.62 8.10 3.90
CA THR A 135 2.78 6.79 4.47
C THR A 135 4.29 6.60 4.56
N VAL A 136 4.74 5.54 5.25
CA VAL A 136 6.15 5.14 5.22
C VAL A 136 6.30 4.29 3.93
N PHE A 137 7.43 3.57 3.76
CA PHE A 137 7.63 2.70 2.59
C PHE A 137 6.83 1.40 2.73
N LEU A 138 5.87 1.19 1.80
CA LEU A 138 4.98 0.04 1.87
C LEU A 138 5.42 -1.14 1.04
N PRO A 139 5.15 -2.36 1.55
CA PRO A 139 5.60 -3.55 0.83
C PRO A 139 4.76 -3.92 -0.39
N ARG A 140 5.40 -4.62 -1.32
CA ARG A 140 4.78 -5.16 -2.52
C ARG A 140 5.11 -6.64 -2.52
N GLU A 141 4.43 -7.45 -3.36
CA GLU A 141 4.70 -8.89 -3.49
C GLU A 141 6.16 -9.15 -3.94
N ASP A 142 6.79 -8.18 -4.63
CA ASP A 142 8.19 -8.23 -5.08
C ASP A 142 9.19 -7.53 -4.09
N HIS A 143 10.40 -7.24 -4.57
CA HIS A 143 11.47 -6.58 -3.80
C HIS A 143 11.29 -5.06 -3.83
N LEU A 144 10.16 -4.58 -4.44
CA LEU A 144 9.93 -3.17 -4.66
C LEU A 144 9.01 -2.51 -3.63
N PHE A 145 9.02 -1.17 -3.58
CA PHE A 145 8.27 -0.38 -2.60
C PHE A 145 7.19 0.47 -3.23
N ARG A 146 6.29 0.96 -2.38
CA ARG A 146 5.25 1.91 -2.77
C ARG A 146 5.10 2.93 -1.64
N LYS A 147 4.63 4.11 -1.96
CA LYS A 147 4.48 5.19 -1.00
C LYS A 147 3.38 6.16 -1.48
N PHE A 148 2.68 6.78 -0.53
CA PHE A 148 1.66 7.80 -0.81
C PHE A 148 1.93 9.04 -0.04
N HIS A 149 1.71 10.18 -0.68
CA HIS A 149 1.81 11.51 -0.13
C HIS A 149 0.48 12.20 -0.38
N TYR A 150 0.05 13.06 0.55
CA TYR A 150 -1.27 13.70 0.52
C TYR A 150 -1.16 15.17 0.70
N LEU A 151 -1.99 15.90 -0.04
CA LEU A 151 -2.07 17.36 0.02
C LEU A 151 -3.53 17.80 0.00
N PRO A 152 -4.11 18.20 1.16
CA PRO A 152 -5.48 18.72 1.15
C PRO A 152 -5.45 20.09 0.49
N PHE A 153 -6.48 20.44 -0.30
CA PHE A 153 -6.49 21.73 -1.01
C PHE A 153 -7.91 22.18 -1.30
N LEU A 154 -8.06 23.48 -1.56
CA LEU A 154 -9.34 24.08 -1.93
C LEU A 154 -9.32 24.24 -3.44
N PRO A 155 -10.11 23.44 -4.21
CA PRO A 155 -10.03 23.54 -5.68
C PRO A 155 -10.48 24.87 -6.29
N SER A 156 -9.65 25.39 -7.21
CA SER A 156 -9.88 26.62 -7.97
C SER A 156 -9.42 26.42 -9.42
N THR A 157 -10.00 27.17 -10.36
CA THR A 157 -9.65 27.12 -11.79
C THR A 157 -8.27 27.74 -12.04
N GLU A 158 -7.81 28.62 -11.13
CA GLU A 158 -6.55 29.38 -11.22
C GLU A 158 -5.30 28.55 -10.88
N ASP A 159 -5.35 27.80 -9.76
CA ASP A 159 -4.23 27.01 -9.24
C ASP A 159 -3.93 25.73 -9.99
N VAL A 160 -2.62 25.44 -10.14
CA VAL A 160 -2.09 24.21 -10.75
C VAL A 160 -1.23 23.48 -9.71
N TYR A 161 -1.12 22.15 -9.84
CA TYR A 161 -0.34 21.40 -8.83
C TYR A 161 0.65 20.44 -9.42
N ASP A 162 1.75 20.23 -8.70
CA ASP A 162 2.76 19.24 -9.08
C ASP A 162 3.21 18.41 -7.90
N CYS A 163 3.40 17.12 -8.12
CA CYS A 163 4.04 16.28 -7.12
C CYS A 163 5.47 16.08 -7.68
N ARG A 164 6.49 16.61 -6.98
CA ARG A 164 7.90 16.49 -7.39
C ARG A 164 8.60 15.38 -6.59
N VAL A 165 9.00 14.30 -7.29
CA VAL A 165 9.65 13.14 -6.69
C VAL A 165 11.13 13.00 -7.10
N GLU A 166 12.02 12.96 -6.08
CA GLU A 166 13.45 12.74 -6.24
C GLU A 166 13.76 11.33 -5.75
N HIS A 167 14.47 10.56 -6.58
CA HIS A 167 14.92 9.20 -6.32
C HIS A 167 16.26 9.07 -7.04
N TRP A 168 17.20 8.27 -6.48
CA TRP A 168 18.51 8.06 -7.13
C TRP A 168 18.47 7.36 -8.47
N GLY A 169 17.37 6.67 -8.78
CA GLY A 169 17.16 6.05 -10.08
C GLY A 169 16.70 7.03 -11.15
N LEU A 170 16.39 8.29 -10.75
CA LEU A 170 15.90 9.34 -11.64
C LEU A 170 17.02 10.30 -12.02
N ASP A 171 17.20 10.52 -13.35
CA ASP A 171 18.20 11.46 -13.88
C ASP A 171 17.90 12.86 -13.36
N GLU A 172 16.61 13.25 -13.42
CA GLU A 172 16.10 14.53 -12.94
CA GLU A 172 16.06 14.54 -13.00
C GLU A 172 14.83 14.32 -12.07
N PRO A 173 14.52 15.22 -11.08
CA PRO A 173 13.28 14.99 -10.27
C PRO A 173 12.05 14.86 -11.17
N LEU A 174 11.18 13.89 -10.86
CA LEU A 174 9.98 13.61 -11.65
C LEU A 174 8.79 14.43 -11.13
N LEU A 175 8.17 15.22 -12.03
CA LEU A 175 7.02 16.07 -11.74
C LEU A 175 5.73 15.50 -12.35
N LYS A 176 4.71 15.29 -11.51
CA LYS A 176 3.43 14.82 -11.99
C LYS A 176 2.42 15.90 -11.67
N HIS A 177 1.78 16.41 -12.73
CA HIS A 177 0.86 17.54 -12.74
C HIS A 177 -0.60 17.20 -12.53
N TRP A 178 -1.31 18.15 -11.93
CA TRP A 178 -2.77 18.12 -11.76
C TRP A 178 -3.28 19.55 -11.86
N GLU A 179 -4.39 19.71 -12.56
CA GLU A 179 -5.13 20.96 -12.69
C GLU A 179 -6.59 20.65 -12.88
N PHE A 180 -7.46 21.56 -12.42
CA PHE A 180 -8.91 21.41 -12.52
C PHE A 180 -9.37 21.32 -13.98
N ASP A 181 -10.30 20.39 -14.26
CA ASP A 181 -10.82 20.17 -15.61
C ASP A 181 -12.03 21.08 -15.96
N THR A 182 -12.03 21.62 -17.21
CA THR A 182 -13.02 22.55 -17.80
C THR A 182 -13.02 23.88 -17.05
N ASP B 2 22.55 11.83 -4.65
CA ASP B 2 23.63 11.11 -3.97
C ASP B 2 24.11 9.93 -4.84
N THR B 3 25.41 9.94 -5.17
CA THR B 3 26.05 8.91 -5.99
C THR B 3 26.63 7.75 -5.16
N ARG B 4 26.74 7.93 -3.81
CA ARG B 4 27.25 6.94 -2.85
C ARG B 4 26.54 5.59 -3.03
N PRO B 5 27.29 4.46 -3.22
CA PRO B 5 26.63 3.14 -3.36
C PRO B 5 25.82 2.78 -2.10
N ARG B 6 24.63 2.20 -2.29
CA ARG B 6 23.76 1.81 -1.17
C ARG B 6 23.70 0.30 -1.02
N PHE B 7 23.43 -0.15 0.20
CA PHE B 7 23.34 -1.58 0.53
C PHE B 7 22.09 -1.74 1.36
N LEU B 8 21.15 -2.59 0.89
CA LEU B 8 19.83 -2.80 1.50
C LEU B 8 19.56 -4.19 2.02
N GLU B 9 19.10 -4.27 3.28
CA GLU B 9 18.67 -5.53 3.85
C GLU B 9 17.18 -5.34 4.13
N TYR B 10 16.34 -6.24 3.66
CA TYR B 10 14.90 -6.11 3.77
C TYR B 10 14.25 -7.46 4.02
N SER B 11 13.31 -7.50 4.95
CA SER B 11 12.59 -8.70 5.31
C SER B 11 11.09 -8.45 5.40
N THR B 12 10.29 -9.47 5.04
CA THR B 12 8.83 -9.45 5.21
C THR B 12 8.44 -10.76 5.88
N SER B 13 7.69 -10.68 6.97
CA SER B 13 7.13 -11.83 7.67
C SER B 13 5.62 -11.75 7.34
N GLU B 14 5.18 -12.66 6.48
CA GLU B 14 3.83 -12.66 5.89
C GLU B 14 2.87 -13.71 6.40
N CYS B 15 1.64 -13.28 6.71
CA CYS B 15 0.59 -14.16 7.25
C CYS B 15 -0.58 -14.16 6.26
N HIS B 16 -0.80 -15.29 5.57
CA HIS B 16 -1.83 -15.41 4.52
C HIS B 16 -2.97 -16.22 5.09
N PHE B 17 -4.16 -15.59 5.18
CA PHE B 17 -5.32 -16.20 5.83
C PHE B 17 -6.38 -16.66 4.85
N PHE B 18 -6.90 -17.89 5.07
CA PHE B 18 -7.92 -18.56 4.23
C PHE B 18 -9.09 -18.98 5.13
N ASN B 19 -10.33 -18.63 4.72
CA ASN B 19 -11.59 -18.96 5.41
C ASN B 19 -11.48 -18.53 6.89
N GLY B 20 -11.38 -17.23 7.12
CA GLY B 20 -11.13 -16.72 8.45
C GLY B 20 -9.69 -17.03 8.83
N THR B 21 -9.48 -17.89 9.85
CA THR B 21 -8.17 -18.38 10.26
C THR B 21 -8.14 -19.93 10.27
N GLU B 22 -9.00 -20.59 9.45
CA GLU B 22 -9.06 -22.06 9.34
C GLU B 22 -7.70 -22.61 8.83
N ARG B 23 -7.19 -21.98 7.77
CA ARG B 23 -5.89 -22.28 7.18
C ARG B 23 -5.04 -21.00 7.15
N VAL B 24 -3.80 -21.11 7.59
CA VAL B 24 -2.86 -19.97 7.54
C VAL B 24 -1.57 -20.40 6.85
N ARG B 25 -1.07 -19.59 5.92
CA ARG B 25 0.24 -19.83 5.34
C ARG B 25 1.18 -18.68 5.78
N PHE B 26 2.24 -19.02 6.53
CA PHE B 26 3.24 -18.07 7.02
C PHE B 26 4.53 -18.13 6.19
N LEU B 27 4.98 -16.98 5.66
CA LEU B 27 6.24 -16.78 4.89
C LEU B 27 7.21 -15.80 5.57
N ASP B 28 8.45 -16.24 5.84
CA ASP B 28 9.49 -15.37 6.38
C ASP B 28 10.50 -15.18 5.25
N ARG B 29 10.47 -14.02 4.56
CA ARG B 29 11.28 -13.74 3.39
C ARG B 29 12.40 -12.70 3.62
N TYR B 30 13.58 -12.92 3.01
CA TYR B 30 14.78 -12.08 3.16
C TYR B 30 15.28 -11.64 1.84
N PHE B 31 15.55 -10.34 1.70
CA PHE B 31 16.02 -9.73 0.48
C PHE B 31 17.27 -8.95 0.76
N TYR B 32 18.28 -9.13 -0.10
CA TYR B 32 19.48 -8.32 -0.06
C TYR B 32 19.47 -7.57 -1.38
N ASN B 33 19.48 -6.24 -1.32
CA ASN B 33 19.36 -5.35 -2.47
C ASN B 33 18.06 -5.73 -3.23
N GLN B 34 18.14 -6.19 -4.49
CA GLN B 34 16.93 -6.56 -5.22
C GLN B 34 16.60 -8.05 -5.12
N GLU B 35 17.44 -8.82 -4.40
CA GLU B 35 17.37 -10.28 -4.39
C GLU B 35 16.79 -11.05 -3.18
N GLU B 36 15.69 -11.79 -3.39
CA GLU B 36 15.16 -12.66 -2.34
C GLU B 36 16.09 -13.88 -2.32
N TYR B 37 16.82 -14.06 -1.21
CA TYR B 37 17.85 -15.10 -1.12
C TYR B 37 17.50 -16.32 -0.29
N VAL B 38 16.66 -16.16 0.74
CA VAL B 38 16.24 -17.27 1.59
C VAL B 38 14.80 -17.02 2.11
N ARG B 39 14.06 -18.07 2.52
CA ARG B 39 12.71 -17.97 3.11
C ARG B 39 12.34 -19.17 3.93
N PHE B 40 11.40 -18.99 4.87
CA PHE B 40 10.78 -20.08 5.60
C PHE B 40 9.29 -20.05 5.18
N ASP B 41 8.77 -21.19 4.71
CA ASP B 41 7.38 -21.38 4.31
C ASP B 41 6.81 -22.38 5.31
N SER B 42 5.75 -21.99 6.07
CA SER B 42 5.15 -22.88 7.09
C SER B 42 4.65 -24.21 6.45
N ASP B 43 4.28 -24.17 5.15
CA ASP B 43 3.84 -25.39 4.42
C ASP B 43 5.00 -26.35 4.22
N VAL B 44 6.22 -25.80 4.00
CA VAL B 44 7.46 -26.56 3.86
C VAL B 44 7.95 -27.04 5.24
N GLY B 45 8.08 -26.13 6.21
CA GLY B 45 8.48 -26.53 7.55
C GLY B 45 9.92 -26.26 7.92
N GLU B 46 10.72 -25.76 6.97
CA GLU B 46 12.13 -25.40 7.17
C GLU B 46 12.53 -24.26 6.22
N PHE B 47 13.70 -23.63 6.46
CA PHE B 47 14.25 -22.59 5.57
C PHE B 47 14.76 -23.25 4.31
N ARG B 48 14.63 -22.54 3.20
CA ARG B 48 15.08 -23.01 1.89
C ARG B 48 15.67 -21.83 1.16
N ALA B 49 16.85 -22.04 0.55
CA ALA B 49 17.46 -20.97 -0.22
C ALA B 49 16.62 -20.74 -1.48
N VAL B 50 16.41 -19.48 -1.81
CA VAL B 50 15.67 -19.05 -3.00
C VAL B 50 16.79 -18.92 -4.06
N THR B 51 17.96 -18.39 -3.65
CA THR B 51 19.12 -18.25 -4.53
C THR B 51 20.37 -18.80 -3.84
N GLU B 52 21.51 -18.87 -4.56
CA GLU B 52 22.79 -19.37 -4.03
C GLU B 52 23.25 -18.58 -2.82
N LEU B 53 23.06 -17.21 -2.87
CA LEU B 53 23.38 -16.23 -1.82
C LEU B 53 22.77 -16.61 -0.47
N GLY B 54 21.65 -17.33 -0.48
CA GLY B 54 20.99 -17.76 0.73
C GLY B 54 21.29 -19.14 1.25
N ARG B 55 22.08 -19.92 0.50
CA ARG B 55 22.49 -21.29 0.91
C ARG B 55 23.14 -21.33 2.30
N PRO B 56 24.08 -20.40 2.65
CA PRO B 56 24.63 -20.40 4.02
C PRO B 56 23.57 -20.24 5.10
N ASP B 57 22.48 -19.46 4.82
CA ASP B 57 21.39 -19.25 5.81
C ASP B 57 20.43 -20.43 5.95
N GLU B 58 20.15 -21.10 4.83
CA GLU B 58 19.35 -22.32 4.85
C GLU B 58 20.05 -23.34 5.74
N GLU B 59 21.35 -23.54 5.52
CA GLU B 59 22.16 -24.49 6.29
C GLU B 59 22.22 -24.12 7.76
N TYR B 60 22.60 -22.86 8.07
CA TYR B 60 22.69 -22.37 9.44
C TYR B 60 21.34 -22.25 10.20
N TRP B 61 20.32 -21.60 9.59
CA TRP B 61 19.04 -21.42 10.31
C TRP B 61 18.28 -22.71 10.58
N ASN B 62 18.41 -23.71 9.68
CA ASN B 62 17.79 -25.01 9.90
C ASN B 62 18.44 -25.78 11.06
N SER B 63 19.69 -25.41 11.42
CA SER B 63 20.40 -26.03 12.54
C SER B 63 20.15 -25.29 13.88
N GLN B 64 19.49 -24.11 13.84
CA GLN B 64 19.16 -23.30 15.02
C GLN B 64 17.79 -23.73 15.53
N LYS B 65 17.79 -24.70 16.47
CA LYS B 65 16.65 -25.40 17.03
C LYS B 65 15.52 -24.50 17.55
N ASP B 66 15.86 -23.51 18.38
CA ASP B 66 14.89 -22.60 18.94
C ASP B 66 14.29 -21.68 17.90
N PHE B 67 15.10 -21.26 16.90
CA PHE B 67 14.69 -20.36 15.82
C PHE B 67 13.71 -21.04 14.88
N LEU B 68 14.03 -22.29 14.43
CA LEU B 68 13.19 -23.09 13.55
C LEU B 68 11.85 -23.41 14.23
N GLU B 69 11.86 -23.77 15.55
CA GLU B 69 10.61 -24.01 16.29
C GLU B 69 9.73 -22.74 16.40
N ASP B 70 10.38 -21.57 16.55
CA ASP B 70 9.67 -20.28 16.62
C ASP B 70 8.96 -20.04 15.31
N ARG B 71 9.65 -20.27 14.20
CA ARG B 71 9.08 -20.17 12.85
C ARG B 71 7.93 -21.19 12.66
N ARG B 72 8.10 -22.42 13.20
CA ARG B 72 7.09 -23.48 13.06
C ARG B 72 5.81 -23.18 13.86
N ALA B 73 5.96 -22.43 14.96
CA ALA B 73 4.85 -22.05 15.84
C ALA B 73 4.12 -20.78 15.39
N ALA B 74 4.77 -19.99 14.50
CA ALA B 74 4.30 -18.69 14.02
C ALA B 74 2.85 -18.64 13.60
N VAL B 75 2.36 -19.67 12.85
CA VAL B 75 0.93 -19.72 12.42
C VAL B 75 -0.04 -19.48 13.57
N ASP B 76 0.28 -19.98 14.76
CA ASP B 76 -0.58 -19.79 15.92
C ASP B 76 -0.13 -18.63 16.80
N THR B 77 1.13 -18.65 17.27
CA THR B 77 1.67 -17.64 18.19
C THR B 77 1.79 -16.23 17.60
N TYR B 78 1.89 -16.11 16.27
CA TYR B 78 2.13 -14.85 15.58
C TYR B 78 0.97 -14.47 14.66
N CYS B 79 0.72 -15.27 13.60
CA CYS B 79 -0.35 -15.06 12.62
C CYS B 79 -1.73 -15.02 13.22
N ARG B 80 -2.15 -16.12 13.87
CA ARG B 80 -3.49 -16.16 14.45
C ARG B 80 -3.64 -15.15 15.55
N HIS B 81 -2.56 -14.95 16.35
CA HIS B 81 -2.55 -13.96 17.41
C HIS B 81 -2.84 -12.56 16.82
N ASN B 82 -1.97 -12.08 15.89
CA ASN B 82 -2.11 -10.76 15.24
C ASN B 82 -3.41 -10.55 14.49
N TYR B 83 -3.94 -11.62 13.85
CA TYR B 83 -5.25 -11.53 13.16
C TYR B 83 -6.33 -11.06 14.15
N GLY B 84 -6.40 -11.73 15.31
CA GLY B 84 -7.35 -11.45 16.39
C GLY B 84 -7.20 -10.07 17.01
N VAL B 85 -5.97 -9.60 17.20
CA VAL B 85 -5.68 -8.27 17.77
C VAL B 85 -6.40 -7.14 16.99
N GLY B 86 -6.23 -7.11 15.67
CA GLY B 86 -6.79 -6.02 14.88
C GLY B 86 -8.07 -6.33 14.15
N GLU B 87 -8.62 -7.54 14.34
CA GLU B 87 -9.81 -8.04 13.64
C GLU B 87 -10.96 -7.02 13.48
N SER B 88 -11.37 -6.40 14.58
CA SER B 88 -12.46 -5.45 14.66
C SER B 88 -12.30 -4.23 13.73
N PHE B 89 -11.08 -3.73 13.58
CA PHE B 89 -10.78 -2.54 12.78
C PHE B 89 -10.06 -2.78 11.45
N THR B 90 -9.93 -4.06 11.04
CA THR B 90 -9.27 -4.41 9.76
C THR B 90 -10.21 -5.28 8.92
N VAL B 91 -10.29 -6.58 9.26
CA VAL B 91 -11.18 -7.59 8.66
C VAL B 91 -12.63 -7.04 8.69
N GLN B 92 -13.06 -6.49 9.85
CA GLN B 92 -14.42 -6.00 10.05
C GLN B 92 -14.59 -4.50 9.79
N ARG B 93 -13.58 -3.83 9.22
CA ARG B 93 -13.69 -2.40 8.86
C ARG B 93 -14.70 -2.25 7.69
N ARG B 94 -15.70 -1.35 7.87
CA ARG B 94 -16.74 -1.06 6.87
C ARG B 94 -16.91 0.43 6.75
N VAL B 95 -16.59 0.99 5.57
CA VAL B 95 -16.64 2.44 5.34
C VAL B 95 -17.50 2.62 4.07
N HIS B 96 -18.63 3.29 4.22
CA HIS B 96 -19.64 3.42 3.15
C HIS B 96 -19.24 4.39 2.03
N PRO B 97 -19.57 4.04 0.77
CA PRO B 97 -19.15 4.89 -0.35
C PRO B 97 -19.92 6.19 -0.62
N LYS B 98 -19.23 7.11 -1.28
CA LYS B 98 -19.80 8.34 -1.78
C LYS B 98 -20.00 8.02 -3.30
N VAL B 99 -21.21 8.22 -3.83
CA VAL B 99 -21.56 7.94 -5.23
C VAL B 99 -21.90 9.27 -5.92
N THR B 100 -21.13 9.61 -6.99
CA THR B 100 -21.27 10.86 -7.74
C THR B 100 -21.45 10.51 -9.24
N VAL B 101 -22.45 11.12 -9.88
CA VAL B 101 -22.71 10.87 -11.30
C VAL B 101 -22.54 12.16 -12.05
N TYR B 102 -21.75 12.14 -13.15
CA TYR B 102 -21.54 13.32 -13.97
C TYR B 102 -21.29 12.96 -15.43
N PRO B 103 -21.81 13.76 -16.38
CA PRO B 103 -21.52 13.45 -17.80
C PRO B 103 -20.11 13.92 -18.15
N SER B 104 -19.51 13.27 -19.14
CA SER B 104 -18.21 13.67 -19.65
C SER B 104 -18.18 13.58 -21.19
N LYS B 105 -17.60 14.62 -21.83
CA LYS B 105 -17.44 14.68 -23.28
C LYS B 105 -16.27 13.78 -23.73
N THR B 106 -16.44 13.14 -24.90
CA THR B 106 -15.38 12.37 -25.53
C THR B 106 -14.42 13.39 -26.22
N GLN B 107 -13.10 13.16 -26.14
CA GLN B 107 -12.12 14.06 -26.77
C GLN B 107 -11.10 13.41 -27.73
N PRO B 108 -11.21 13.68 -29.07
CA PRO B 108 -12.24 14.48 -29.73
C PRO B 108 -13.56 13.71 -29.73
N LEU B 109 -14.65 14.39 -30.10
CA LEU B 109 -15.97 13.79 -30.09
C LEU B 109 -16.07 12.50 -30.90
N GLN B 110 -16.68 11.50 -30.29
CA GLN B 110 -16.96 10.21 -30.89
C GLN B 110 -18.48 10.21 -31.04
N HIS B 111 -19.07 9.11 -31.44
CA HIS B 111 -20.52 9.06 -31.61
C HIS B 111 -21.24 9.14 -30.27
N HIS B 112 -20.65 8.50 -29.25
CA HIS B 112 -21.19 8.44 -27.90
C HIS B 112 -20.53 9.47 -26.98
N ASN B 113 -21.23 9.81 -25.89
CA ASN B 113 -20.60 10.58 -24.82
C ASN B 113 -20.45 9.64 -23.61
N LEU B 114 -19.92 10.14 -22.49
CA LEU B 114 -19.71 9.26 -21.35
C LEU B 114 -20.45 9.74 -20.13
N LEU B 115 -20.98 8.80 -19.36
CA LEU B 115 -21.64 9.07 -18.11
C LEU B 115 -20.75 8.44 -17.05
N VAL B 116 -20.22 9.25 -16.14
CA VAL B 116 -19.29 8.75 -15.14
C VAL B 116 -19.95 8.40 -13.80
N CYS B 117 -19.75 7.19 -13.32
CA CYS B 117 -20.18 6.90 -11.97
C CYS B 117 -18.92 6.76 -11.14
N SER B 118 -18.68 7.74 -10.27
CA SER B 118 -17.53 7.76 -9.39
C SER B 118 -17.99 7.27 -8.03
N VAL B 119 -17.37 6.20 -7.54
CA VAL B 119 -17.69 5.61 -6.24
C VAL B 119 -16.41 5.77 -5.42
N SER B 120 -16.44 6.55 -4.34
CA SER B 120 -15.25 6.85 -3.56
C SER B 120 -15.37 6.69 -2.02
N GLY B 121 -14.21 6.69 -1.35
CA GLY B 121 -14.07 6.68 0.10
C GLY B 121 -14.59 5.45 0.80
N PHE B 122 -14.49 4.30 0.13
CA PHE B 122 -15.03 3.07 0.68
C PHE B 122 -13.97 2.09 1.12
N TYR B 123 -14.40 1.13 1.95
CA TYR B 123 -13.56 0.06 2.51
C TYR B 123 -14.45 -1.11 2.97
N PRO B 124 -14.17 -2.40 2.65
CA PRO B 124 -13.04 -2.93 1.84
C PRO B 124 -13.12 -2.65 0.35
N GLY B 125 -12.16 -3.16 -0.41
CA GLY B 125 -12.04 -2.91 -1.84
C GLY B 125 -13.08 -3.57 -2.71
N SER B 126 -13.65 -4.71 -2.25
CA SER B 126 -14.66 -5.43 -3.03
C SER B 126 -15.98 -4.64 -3.13
N ILE B 127 -16.39 -4.35 -4.39
CA ILE B 127 -17.56 -3.53 -4.69
C ILE B 127 -18.19 -4.01 -5.98
N GLU B 128 -19.47 -3.69 -6.19
CA GLU B 128 -20.21 -3.98 -7.42
C GLU B 128 -20.85 -2.70 -7.90
N VAL B 129 -20.41 -2.17 -9.05
CA VAL B 129 -20.94 -0.93 -9.62
C VAL B 129 -21.53 -1.28 -10.98
N ARG B 130 -22.83 -1.07 -11.11
CA ARG B 130 -23.59 -1.44 -12.29
C ARG B 130 -24.38 -0.28 -12.85
N TRP B 131 -24.42 -0.20 -14.20
CA TRP B 131 -25.16 0.84 -14.91
C TRP B 131 -26.48 0.29 -15.40
N PHE B 132 -27.53 1.11 -15.27
CA PHE B 132 -28.87 0.79 -15.71
C PHE B 132 -29.45 1.89 -16.59
N ARG B 133 -30.21 1.52 -17.62
CA ARG B 133 -30.87 2.48 -18.53
C ARG B 133 -32.33 2.03 -18.58
N ASN B 134 -33.23 2.86 -18.03
CA ASN B 134 -34.66 2.58 -17.89
C ASN B 134 -34.92 1.21 -17.23
N GLY B 135 -34.35 1.03 -16.02
CA GLY B 135 -34.47 -0.17 -15.20
C GLY B 135 -33.87 -1.45 -15.75
N GLN B 136 -33.12 -1.37 -16.86
CA GLN B 136 -32.48 -2.52 -17.49
C GLN B 136 -30.95 -2.38 -17.42
N GLU B 137 -30.26 -3.44 -16.95
CA GLU B 137 -28.80 -3.41 -16.85
C GLU B 137 -28.12 -3.27 -18.20
N GLU B 138 -27.07 -2.43 -18.26
CA GLU B 138 -26.24 -2.20 -19.45
C GLU B 138 -24.93 -3.00 -19.28
N LYS B 139 -24.67 -3.98 -20.15
CA LYS B 139 -23.41 -4.74 -20.09
C LYS B 139 -22.42 -4.18 -21.10
N THR B 140 -22.94 -3.70 -22.23
CA THR B 140 -22.16 -3.10 -23.30
C THR B 140 -21.85 -1.64 -22.98
N GLY B 141 -20.73 -1.14 -23.51
CA GLY B 141 -20.30 0.24 -23.33
C GLY B 141 -19.94 0.64 -21.91
N VAL B 142 -19.67 -0.37 -21.04
CA VAL B 142 -19.30 -0.16 -19.64
C VAL B 142 -17.79 -0.36 -19.50
N VAL B 143 -17.08 0.73 -19.16
CA VAL B 143 -15.62 0.78 -19.03
C VAL B 143 -15.21 1.30 -17.63
N SER B 144 -14.28 0.59 -17.00
CA SER B 144 -13.77 0.95 -15.69
C SER B 144 -12.26 0.90 -15.69
N THR B 145 -11.65 1.84 -14.97
CA THR B 145 -10.21 1.87 -14.77
C THR B 145 -9.83 0.87 -13.64
N GLY B 146 -10.85 0.25 -13.06
CA GLY B 146 -10.71 -0.75 -12.01
C GLY B 146 -10.70 -0.14 -10.62
N LEU B 147 -10.30 -0.97 -9.63
CA LEU B 147 -10.23 -0.57 -8.22
C LEU B 147 -8.97 0.24 -7.96
N ILE B 148 -9.10 1.43 -7.37
CA ILE B 148 -7.96 2.31 -7.07
C ILE B 148 -7.78 2.37 -5.54
N HIS B 149 -6.60 1.98 -5.04
CA HIS B 149 -6.30 2.07 -3.61
C HIS B 149 -5.75 3.46 -3.31
N ASN B 150 -6.27 4.15 -2.28
CA ASN B 150 -5.85 5.53 -1.93
C ASN B 150 -4.72 5.59 -0.92
N GLY B 151 -4.32 4.43 -0.41
CA GLY B 151 -3.24 4.28 0.58
C GLY B 151 -3.59 4.74 1.99
N ASP B 152 -4.89 5.06 2.24
CA ASP B 152 -5.37 5.57 3.53
C ASP B 152 -6.56 4.80 4.09
N TRP B 153 -6.63 3.48 3.85
CA TRP B 153 -7.71 2.60 4.28
C TRP B 153 -9.03 2.96 3.56
N THR B 154 -8.92 3.44 2.31
CA THR B 154 -10.07 3.73 1.46
C THR B 154 -9.70 3.36 0.04
N PHE B 155 -10.73 3.09 -0.77
CA PHE B 155 -10.61 2.79 -2.18
C PHE B 155 -11.54 3.71 -2.97
N GLN B 156 -11.33 3.77 -4.29
CA GLN B 156 -12.21 4.47 -5.20
C GLN B 156 -12.23 3.69 -6.53
N THR B 157 -13.20 4.01 -7.36
CA THR B 157 -13.41 3.43 -8.70
C THR B 157 -14.28 4.39 -9.53
N LEU B 158 -13.99 4.49 -10.83
CA LEU B 158 -14.77 5.29 -11.78
C LEU B 158 -15.26 4.31 -12.87
N VAL B 159 -16.59 4.19 -13.02
CA VAL B 159 -17.26 3.29 -13.98
C VAL B 159 -18.02 4.15 -14.97
N MET B 160 -17.59 4.10 -16.23
CA MET B 160 -18.13 4.91 -17.32
C MET B 160 -19.12 4.13 -18.17
N LEU B 161 -20.15 4.83 -18.63
CA LEU B 161 -21.13 4.25 -19.54
C LEU B 161 -21.09 5.08 -20.85
N GLU B 162 -20.94 4.37 -21.96
CA GLU B 162 -20.94 4.95 -23.30
C GLU B 162 -22.38 5.21 -23.61
N THR B 163 -22.69 6.47 -23.83
CA THR B 163 -24.09 6.86 -23.98
C THR B 163 -24.38 7.67 -25.25
N VAL B 164 -25.61 7.52 -25.74
CA VAL B 164 -26.17 8.27 -26.85
C VAL B 164 -27.40 8.90 -26.13
N PRO B 165 -27.22 10.06 -25.41
CA PRO B 165 -28.31 10.61 -24.56
C PRO B 165 -29.58 11.16 -25.24
N ARG B 166 -30.71 10.46 -25.01
CA ARG B 166 -32.01 10.80 -25.58
C ARG B 166 -32.96 11.46 -24.57
N SER B 167 -33.64 12.57 -25.01
CA SER B 167 -34.59 13.45 -24.30
C SER B 167 -35.14 13.01 -22.93
N GLY B 168 -35.79 11.85 -22.87
CA GLY B 168 -36.39 11.33 -21.63
C GLY B 168 -35.87 10.00 -21.13
N GLU B 169 -34.55 9.75 -21.23
CA GLU B 169 -33.93 8.50 -20.75
C GLU B 169 -33.43 8.67 -19.31
N VAL B 170 -33.75 7.70 -18.43
CA VAL B 170 -33.30 7.72 -17.04
C VAL B 170 -32.16 6.70 -16.86
N TYR B 171 -30.97 7.20 -16.53
CA TYR B 171 -29.78 6.36 -16.27
C TYR B 171 -29.61 6.17 -14.78
N THR B 172 -29.23 4.97 -14.35
CA THR B 172 -29.07 4.71 -12.92
C THR B 172 -27.80 3.96 -12.62
N CYS B 173 -26.97 4.52 -11.73
CA CYS B 173 -25.79 3.79 -11.29
C CYS B 173 -26.15 3.14 -9.97
N GLN B 174 -25.89 1.87 -9.83
CA GLN B 174 -26.24 1.10 -8.66
C GLN B 174 -24.99 0.53 -8.01
N VAL B 175 -24.90 0.73 -6.71
CA VAL B 175 -23.73 0.29 -5.96
C VAL B 175 -24.08 -0.68 -4.85
N GLU B 176 -23.40 -1.83 -4.83
CA GLU B 176 -23.50 -2.83 -3.77
C GLU B 176 -22.13 -2.97 -3.13
N HIS B 177 -22.10 -2.94 -1.80
CA HIS B 177 -20.86 -2.93 -1.05
C HIS B 177 -21.12 -3.46 0.35
N PRO B 178 -20.20 -4.23 0.93
CA PRO B 178 -20.44 -4.80 2.29
C PRO B 178 -20.84 -3.82 3.40
N SER B 179 -20.49 -2.51 3.27
CA SER B 179 -20.79 -1.48 4.25
C SER B 179 -22.30 -1.09 4.28
N VAL B 180 -23.05 -1.48 3.25
CA VAL B 180 -24.46 -1.08 3.11
C VAL B 180 -25.34 -2.32 2.88
N THR B 181 -26.50 -2.38 3.53
CA THR B 181 -27.43 -3.55 3.41
C THR B 181 -28.32 -3.43 2.17
N SER B 182 -28.52 -2.22 1.69
CA SER B 182 -29.37 -2.03 0.53
C SER B 182 -28.62 -1.38 -0.63
N PRO B 183 -28.85 -1.84 -1.89
CA PRO B 183 -28.17 -1.20 -3.04
C PRO B 183 -28.37 0.31 -3.07
N LEU B 184 -27.28 1.03 -3.31
CA LEU B 184 -27.25 2.48 -3.36
C LEU B 184 -27.45 2.91 -4.80
N THR B 185 -28.33 3.88 -5.06
CA THR B 185 -28.54 4.33 -6.44
C THR B 185 -28.45 5.84 -6.64
N VAL B 186 -27.89 6.25 -7.79
CA VAL B 186 -27.82 7.64 -8.20
C VAL B 186 -28.38 7.72 -9.63
N GLU B 187 -29.46 8.50 -9.79
CA GLU B 187 -30.12 8.66 -11.08
C GLU B 187 -29.58 9.87 -11.78
N TRP B 188 -29.55 9.79 -13.11
CA TRP B 188 -29.14 10.89 -13.97
C TRP B 188 -30.08 11.00 -15.18
N ARG B 189 -30.56 12.22 -15.44
CA ARG B 189 -31.44 12.52 -16.57
C ARG B 189 -30.75 13.52 -17.49
N ALA B 190 -30.84 13.30 -18.83
CA ALA B 190 -30.25 14.14 -19.89
C ALA B 190 -30.67 15.61 -19.84
N ARG C 1 -5.09 -5.38 23.40
CA ARG C 1 -4.29 -6.50 22.92
C ARG C 1 -3.08 -6.00 22.16
N PHE C 2 -2.00 -6.75 22.26
CA PHE C 2 -0.74 -6.38 21.68
C PHE C 2 -0.45 -7.14 20.40
N TYR C 3 -0.01 -6.40 19.37
CA TYR C 3 0.55 -7.00 18.17
C TYR C 3 1.86 -7.59 18.65
N LYS C 4 2.24 -8.72 18.09
CA LYS C 4 3.49 -9.37 18.45
C LYS C 4 4.48 -9.21 17.30
N THR C 5 5.75 -8.95 17.63
CA THR C 5 6.84 -8.88 16.65
C THR C 5 7.36 -10.30 16.43
N LEU C 6 7.61 -10.67 15.16
CA LEU C 6 8.29 -11.92 14.86
C LEU C 6 9.78 -11.53 14.91
N ARG C 7 10.52 -12.07 15.88
CA ARG C 7 11.91 -11.71 16.16
C ARG C 7 12.86 -12.08 15.08
N ALA C 8 13.77 -11.15 14.77
CA ALA C 8 14.81 -11.36 13.78
C ALA C 8 15.97 -12.16 14.41
N GLU C 9 16.72 -12.89 13.59
CA GLU C 9 17.86 -13.73 14.01
C GLU C 9 18.99 -13.41 13.11
N GLN C 10 20.20 -13.37 13.69
CA GLN C 10 21.42 -13.11 12.94
C GLN C 10 21.72 -14.20 11.92
N ALA C 11 22.09 -13.78 10.71
CA ALA C 11 22.49 -14.61 9.57
C ALA C 11 23.82 -15.36 9.87
N SER C 12 24.14 -16.34 9.01
CA SER C 12 25.37 -17.13 9.06
C SER C 12 26.55 -16.22 8.66
N GLN C 13 27.52 -16.08 9.56
CA GLN C 13 28.73 -15.27 9.33
C GLN C 13 29.83 -16.10 8.61
C1 NAG D . 17.13 14.20 -0.65
C2 NAG D . 18.09 13.47 -1.52
C3 NAG D . 19.46 13.41 -1.00
C4 NAG D . 20.05 14.66 -0.51
C5 NAG D . 19.03 15.60 0.21
C6 NAG D . 19.49 17.07 0.18
C7 NAG D . 17.12 11.53 -2.83
C8 NAG D . 16.53 10.11 -2.79
N2 NAG D . 17.55 12.12 -1.58
O3 NAG D . 20.30 12.80 -1.96
O4 NAG D . 21.09 14.09 0.31
O5 NAG D . 17.67 15.54 -0.24
O6 NAG D . 19.24 17.81 -0.96
O7 NAG D . 17.24 12.11 -3.87
C1 NAG D . 22.21 14.85 0.81
C2 NAG D . 22.87 15.70 -0.23
C3 NAG D . 24.12 16.25 0.33
C4 NAG D . 23.97 16.96 1.60
C5 NAG D . 22.91 16.42 2.60
C6 NAG D . 22.35 17.61 3.41
C7 NAG D . 23.18 15.69 -2.74
C8 NAG D . 23.53 14.97 -4.05
N2 NAG D . 23.18 14.98 -1.48
O3 NAG D . 24.72 17.13 -0.59
O4 NAG D . 25.26 17.04 2.19
O5 NAG D . 21.88 15.59 2.08
O6 NAG D . 21.35 17.34 4.33
O7 NAG D . 22.94 16.87 -2.77
C1 NAG E . 31.63 -13.70 -4.51
C2 NAG E . 30.83 -14.22 -5.66
C3 NAG E . 30.93 -15.69 -5.81
C4 NAG E . 32.32 -16.19 -5.83
C5 NAG E . 33.21 -15.59 -4.71
C6 NAG E . 34.69 -16.02 -4.89
C7 NAG E . 28.87 -12.61 -6.11
C8 NAG E . 27.39 -12.27 -5.89
N2 NAG E . 29.41 -13.81 -5.50
O3 NAG E . 30.26 -16.08 -6.99
O4 NAG E . 32.31 -17.62 -5.84
O5 NAG E . 33.07 -14.18 -4.57
O6 NAG E . 35.45 -15.32 -5.81
O7 NAG E . 29.55 -11.85 -6.76
S SO4 F . -12.21 16.49 -11.78
O1 SO4 F . -11.15 17.45 -12.15
O2 SO4 F . -12.36 15.45 -12.81
O3 SO4 F . -11.86 15.83 -10.52
O4 SO4 F . -13.49 17.22 -11.64
S SO4 G . 0.14 31.54 -5.99
O1 SO4 G . 1.26 31.12 -6.84
O2 SO4 G . -0.65 30.37 -5.62
O3 SO4 G . 0.66 32.17 -4.77
O4 SO4 G . -0.69 32.49 -6.71
S SO4 H . 0.90 1.76 21.78
O1 SO4 H . 1.31 1.30 20.46
O2 SO4 H . 1.34 0.77 22.76
O3 SO4 H . 1.55 3.06 22.02
O4 SO4 H . -0.56 1.91 21.85
S SO4 I . -12.79 -22.67 -6.16
O1 SO4 I . -11.80 -23.26 -5.27
O2 SO4 I . -12.12 -22.06 -7.33
O3 SO4 I . -13.52 -21.65 -5.38
O4 SO4 I . -13.74 -23.69 -6.64
NA NA J . -16.43 16.94 -11.83
S SO4 K . 1.21 -4.00 -9.94
O1 SO4 K . 0.63 -3.55 -11.21
O2 SO4 K . 2.40 -4.82 -10.21
O3 SO4 K . 0.23 -4.77 -9.19
O4 SO4 K . 1.57 -2.82 -9.15
C1 NAG L . -14.39 -23.06 6.47
C2 NAG L . -15.16 -23.79 5.41
C3 NAG L . -16.30 -24.54 5.97
C4 NAG L . -15.93 -25.49 7.02
C5 NAG L . -14.78 -25.05 7.97
C6 NAG L . -14.08 -26.29 8.57
C7 NAG L . -15.03 -22.82 3.04
C8 NAG L . -15.55 -21.83 1.99
N2 NAG L . -15.63 -22.85 4.36
O3 NAG L . -16.96 -25.24 4.94
O4 NAG L . -17.10 -25.81 7.76
O5 NAG L . -13.87 -24.04 7.49
O6 NAG L . -14.84 -27.13 9.38
O7 NAG L . -14.12 -23.55 2.75
S SO4 M . -2.50 -24.32 9.68
O1 SO4 M . -1.34 -24.45 8.80
O2 SO4 M . -3.48 -25.36 9.34
O3 SO4 M . -2.08 -24.45 11.09
O4 SO4 M . -3.10 -23.01 9.44
S SO4 N . 5.01 -18.07 -3.54
O1 SO4 N . 6.19 -17.63 -4.32
O2 SO4 N . 5.25 -19.41 -3.02
O3 SO4 N . 4.80 -17.13 -2.43
O4 SO4 N . 3.83 -18.08 -4.40
NA NA O . 8.06 -19.45 -5.14
S SO4 P . -3.79 -11.86 24.79
O1 SO4 P . -3.17 -10.63 24.28
O2 SO4 P . -3.47 -12.97 23.89
O3 SO4 P . -3.26 -12.15 26.12
O4 SO4 P . -5.23 -11.68 24.88
NA NA Q . -1.45 -9.22 24.12
#